data_2UVH
#
_entry.id   2UVH
#
_cell.length_a   68.294
_cell.length_b   109.664
_cell.length_c   119.516
_cell.angle_alpha   90.00
_cell.angle_beta   90.00
_cell.angle_gamma   90.00
#
_symmetry.space_group_name_H-M   'C 2 2 21'
#
loop_
_entity.id
_entity.type
_entity.pdbx_description
1 polymer 'ABC TYPE PERIPLASMIC SUGAR-BINDING PROTEIN'
2 branched 'alpha-D-galactopyranuronic acid-(1-4)-alpha-D-galactopyranuronic acid'
3 water water
#
_entity_poly.entity_id   1
_entity_poly.type   'polypeptide(L)'
_entity_poly.pdbx_seq_one_letter_code
;GSHMEVNLRMSWWGGNGRHQVTLKALEEFHKQHPNINVKAEYTGWDGHLSRLTTQIAGGTEPDVMQTNWNWLPIFSKDGT
GFYNLFSVKEQLDLAQFDPKELQQTTVNGKLNGIPISVTARIFYFNDATWAKAGLEYPKTWDELLAAGKVFKEKLGDQYY
PVVLEHQDTLALIRSYMTQKYNIPTIDEANKKFAYSPEQWVEFFTMYKTMVDNHVMPSTKYYASFGKSNMYEMKPWINGE
WAGTYMWNSTITKYSDNLTKPAKLVLGPYPMLPGAKDAGLFFKPAQMLSIGKSTKHPQESAMLINFLLNSKEGVEALGLE
RGVPLSATAVTQLRASGVIKDEDPSVAGLNMALELPHKMTTSPYFDDPQIVSLFGDAIQYIDYGQKTVQETAEYFNKQGD
RILKRAMR
;
_entity_poly.pdbx_strand_id   A
#
loop_
_chem_comp.id
_chem_comp.type
_chem_comp.name
_chem_comp.formula
ADA D-saccharide, alpha linking 'alpha-D-galactopyranuronic acid' 'C6 H10 O7'
#
# COMPACT_ATOMS: atom_id res chain seq x y z
N GLU A 5 -23.73 22.07 -17.57
CA GLU A 5 -23.65 22.78 -16.24
C GLU A 5 -23.59 21.70 -15.13
N VAL A 6 -22.35 21.28 -14.81
CA VAL A 6 -22.11 19.93 -14.22
C VAL A 6 -21.35 19.95 -12.89
N ASN A 7 -21.98 19.38 -11.87
CA ASN A 7 -21.40 19.33 -10.56
C ASN A 7 -20.97 17.91 -10.23
N LEU A 8 -19.67 17.76 -10.09
CA LEU A 8 -19.00 16.50 -9.79
C LEU A 8 -18.47 16.55 -8.37
N ARG A 9 -18.49 15.41 -7.71
CA ARG A 9 -17.74 15.19 -6.46
C ARG A 9 -16.64 14.16 -6.71
N MET A 10 -15.49 14.32 -6.07
CA MET A 10 -14.37 13.39 -6.23
C MET A 10 -13.76 13.23 -4.88
N SER A 11 -13.58 11.98 -4.42
CA SER A 11 -12.82 11.73 -3.20
C SER A 11 -11.44 11.11 -3.46
N TRP A 12 -10.52 11.33 -2.52
CA TRP A 12 -9.26 10.62 -2.53
C TRP A 12 -8.70 10.65 -1.14
N TRP A 13 -7.72 9.79 -0.88
CA TRP A 13 -6.92 9.86 0.35
C TRP A 13 -5.45 10.16 0.03
N GLY A 14 -4.68 10.55 1.02
CA GLY A 14 -3.21 10.68 0.93
C GLY A 14 -2.68 11.75 1.90
N GLY A 15 -1.39 12.08 1.81
CA GLY A 15 -0.79 13.17 2.60
C GLY A 15 -1.15 14.51 2.00
N ASN A 16 -0.77 15.61 2.67
CA ASN A 16 -0.99 16.99 2.14
C ASN A 16 -0.30 17.29 0.80
N GLY A 17 0.85 16.70 0.57
CA GLY A 17 1.53 16.86 -0.70
C GLY A 17 0.66 16.38 -1.85
N ARG A 18 0.04 15.21 -1.66
CA ARG A 18 -0.92 14.65 -2.64
C ARG A 18 -2.19 15.46 -2.69
N HIS A 19 -2.70 15.89 -1.54
CA HIS A 19 -3.83 16.84 -1.57
C HIS A 19 -3.53 18.10 -2.40
N GLN A 20 -2.32 18.67 -2.23
CA GLN A 20 -1.95 19.96 -2.84
C GLN A 20 -1.99 19.92 -4.36
N VAL A 21 -1.29 18.94 -4.93
CA VAL A 21 -1.23 18.71 -6.40
C VAL A 21 -2.56 18.33 -7.03
N THR A 22 -3.42 17.63 -6.28
CA THR A 22 -4.71 17.22 -6.81
C THR A 22 -5.58 18.43 -6.91
N LEU A 23 -5.45 19.30 -5.92
CA LEU A 23 -6.26 20.53 -5.85
C LEU A 23 -5.92 21.53 -6.97
N LYS A 24 -4.64 21.58 -7.31
CA LYS A 24 -4.18 22.41 -8.40
C LYS A 24 -4.65 21.85 -9.75
N ALA A 25 -4.55 20.51 -9.91
CA ALA A 25 -5.08 19.79 -11.07
C ALA A 25 -6.56 20.01 -11.27
N LEU A 26 -7.36 19.99 -10.21
CA LEU A 26 -8.81 20.25 -10.36
C LEU A 26 -9.15 21.71 -10.74
N GLU A 27 -8.36 22.66 -10.23
CA GLU A 27 -8.47 24.08 -10.64
C GLU A 27 -8.12 24.24 -12.13
N GLU A 28 -7.08 23.54 -12.61
CA GLU A 28 -6.79 23.55 -14.05
C GLU A 28 -7.86 22.86 -14.88
N PHE A 29 -8.44 21.77 -14.35
CA PHE A 29 -9.52 21.10 -15.05
C PHE A 29 -10.71 22.02 -15.22
N HIS A 30 -11.09 22.72 -14.15
CA HIS A 30 -12.21 23.65 -14.20
C HIS A 30 -11.93 24.83 -15.15
N LYS A 31 -10.71 25.36 -15.10
CA LYS A 31 -10.22 26.33 -16.10
C LYS A 31 -10.44 25.82 -17.53
N GLN A 32 -10.05 24.57 -17.80
CA GLN A 32 -10.32 23.92 -19.09
C GLN A 32 -11.82 23.64 -19.38
N HIS A 33 -12.65 23.49 -18.35
CA HIS A 33 -14.09 23.21 -18.53
C HIS A 33 -14.94 24.00 -17.52
N PRO A 34 -15.20 25.31 -17.78
CA PRO A 34 -15.92 26.18 -16.81
C PRO A 34 -17.33 25.70 -16.49
N ASN A 35 -17.88 24.85 -17.36
CA ASN A 35 -19.19 24.25 -17.09
C ASN A 35 -19.14 23.07 -16.09
N ILE A 36 -17.92 22.63 -15.71
CA ILE A 36 -17.76 21.47 -14.82
C ILE A 36 -17.10 21.83 -13.48
N ASN A 37 -17.88 21.69 -12.41
CA ASN A 37 -17.36 21.95 -11.07
C ASN A 37 -17.04 20.65 -10.36
N VAL A 38 -15.91 20.59 -9.66
CA VAL A 38 -15.58 19.42 -8.89
C VAL A 38 -15.47 19.83 -7.43
N LYS A 39 -16.39 19.31 -6.61
CA LYS A 39 -16.19 19.32 -5.16
C LYS A 39 -15.26 18.20 -4.71
N ALA A 40 -14.24 18.56 -3.94
CA ALA A 40 -13.19 17.67 -3.56
C ALA A 40 -13.42 17.23 -2.13
N GLU A 41 -13.23 15.93 -1.89
CA GLU A 41 -13.45 15.27 -0.62
C GLU A 41 -12.24 14.43 -0.29
N TYR A 42 -11.40 14.90 0.63
CA TYR A 42 -10.13 14.24 0.83
C TYR A 42 -9.78 14.11 2.30
N THR A 43 -9.11 13.01 2.63
CA THR A 43 -8.60 12.80 3.97
C THR A 43 -7.32 11.98 3.85
N GLY A 44 -6.73 11.63 4.98
CA GLY A 44 -5.62 10.68 4.99
C GLY A 44 -6.22 9.31 4.82
N TRP A 45 -5.37 8.29 4.77
CA TRP A 45 -5.81 6.90 4.68
C TRP A 45 -6.77 6.48 5.80
N ASP A 46 -6.41 6.80 7.04
CA ASP A 46 -7.18 6.36 8.21
C ASP A 46 -8.66 6.77 8.15
N GLY A 47 -9.54 5.79 8.30
CA GLY A 47 -11.02 5.97 8.16
C GLY A 47 -11.61 6.20 6.75
N HIS A 48 -10.78 6.28 5.72
CA HIS A 48 -11.24 6.59 4.36
C HIS A 48 -12.10 5.51 3.73
N LEU A 49 -11.66 4.25 3.82
CA LEU A 49 -12.48 3.14 3.36
C LEU A 49 -13.83 3.09 4.14
N SER A 50 -13.72 3.31 5.43
CA SER A 50 -14.87 3.23 6.32
C SER A 50 -15.94 4.26 5.94
N ARG A 51 -15.52 5.51 5.74
CA ARG A 51 -16.41 6.56 5.24
C ARG A 51 -17.00 6.23 3.84
N LEU A 52 -16.17 5.75 2.91
CA LEU A 52 -16.64 5.31 1.60
C LEU A 52 -17.66 4.18 1.67
N THR A 53 -17.41 3.17 2.53
CA THR A 53 -18.38 2.08 2.76
C THR A 53 -19.75 2.59 3.26
N THR A 54 -19.75 3.47 4.26
CA THR A 54 -20.97 4.17 4.60
C THR A 54 -21.64 4.81 3.36
N GLN A 55 -20.90 5.60 2.57
CA GLN A 55 -21.50 6.28 1.40
C GLN A 55 -22.14 5.35 0.38
N ILE A 56 -21.39 4.32 0.02
CA ILE A 56 -21.81 3.31 -0.96
C ILE A 56 -23.02 2.50 -0.43
N ALA A 57 -23.06 2.24 0.88
CA ALA A 57 -24.23 1.60 1.45
C ALA A 57 -25.50 2.50 1.38
N GLY A 58 -25.37 3.83 1.36
CA GLY A 58 -26.50 4.73 1.21
C GLY A 58 -26.74 5.31 -0.18
N GLY A 59 -25.93 4.90 -1.16
CA GLY A 59 -26.00 5.34 -2.55
C GLY A 59 -25.56 6.79 -2.71
N THR A 60 -24.66 7.26 -1.84
CA THR A 60 -24.22 8.65 -1.89
C THR A 60 -22.72 8.83 -2.16
N GLU A 61 -22.08 7.87 -2.82
CA GLU A 61 -20.68 7.97 -3.06
C GLU A 61 -20.41 9.00 -4.21
N PRO A 62 -19.17 9.58 -4.24
CA PRO A 62 -18.77 10.52 -5.28
C PRO A 62 -18.84 9.98 -6.71
N ASP A 63 -18.77 10.90 -7.65
CA ASP A 63 -18.80 10.61 -9.06
C ASP A 63 -17.51 9.94 -9.44
N VAL A 64 -16.43 10.52 -8.93
CA VAL A 64 -15.07 9.99 -9.11
C VAL A 64 -14.46 9.63 -7.77
N MET A 65 -13.90 8.42 -7.69
CA MET A 65 -13.21 7.98 -6.47
C MET A 65 -11.82 7.44 -6.76
N GLN A 66 -10.87 7.81 -5.93
CA GLN A 66 -9.67 7.03 -5.85
C GLN A 66 -10.04 5.82 -5.03
N THR A 67 -9.68 4.63 -5.53
CA THR A 67 -10.04 3.34 -4.93
C THR A 67 -8.77 2.45 -4.74
N ASN A 68 -8.90 1.44 -3.87
CA ASN A 68 -7.85 0.50 -3.61
C ASN A 68 -8.22 -0.82 -4.23
N TRP A 69 -7.21 -1.51 -4.74
CA TRP A 69 -7.40 -2.75 -5.47
C TRP A 69 -8.10 -3.83 -4.58
N ASN A 70 -7.86 -3.79 -3.28
CA ASN A 70 -8.43 -4.85 -2.41
C ASN A 70 -9.93 -4.62 -2.10
N TRP A 71 -10.43 -3.45 -2.48
CA TRP A 71 -11.82 -3.05 -2.32
C TRP A 71 -12.71 -3.63 -3.39
N LEU A 72 -12.13 -4.06 -4.51
CA LEU A 72 -12.94 -4.63 -5.58
C LEU A 72 -13.86 -5.80 -5.17
N PRO A 73 -13.36 -6.79 -4.37
CA PRO A 73 -14.26 -7.84 -3.81
C PRO A 73 -15.28 -7.29 -2.77
N ILE A 74 -14.90 -6.24 -2.05
CA ILE A 74 -15.80 -5.58 -1.08
C ILE A 74 -17.04 -4.91 -1.73
N PHE A 75 -16.83 -4.17 -2.81
CA PHE A 75 -17.84 -3.30 -3.41
C PHE A 75 -18.35 -3.85 -4.74
N SER A 76 -17.58 -4.77 -5.33
CA SER A 76 -17.83 -5.17 -6.74
C SER A 76 -17.48 -6.62 -7.00
N LYS A 77 -17.98 -7.52 -6.15
CA LYS A 77 -17.77 -8.95 -6.34
C LYS A 77 -18.16 -9.42 -7.75
N ASP A 78 -19.19 -8.79 -8.30
CA ASP A 78 -19.67 -9.12 -9.60
C ASP A 78 -19.39 -8.07 -10.68
N GLY A 79 -18.56 -7.08 -10.37
CA GLY A 79 -17.98 -6.18 -11.38
C GLY A 79 -18.86 -4.99 -11.65
N THR A 80 -20.03 -4.97 -10.98
CA THR A 80 -21.03 -3.93 -11.16
C THR A 80 -21.04 -2.83 -10.07
N GLY A 81 -20.18 -2.93 -9.06
CA GLY A 81 -20.14 -1.89 -8.01
C GLY A 81 -19.58 -0.51 -8.37
N PHE A 82 -18.93 -0.40 -9.51
CA PHE A 82 -18.36 0.84 -9.99
C PHE A 82 -18.78 0.91 -11.44
N TYR A 83 -18.75 2.09 -12.03
CA TYR A 83 -19.20 2.20 -13.40
C TYR A 83 -18.15 1.47 -14.21
N ASN A 84 -18.61 0.70 -15.21
CA ASN A 84 -17.79 0.06 -16.24
C ASN A 84 -17.16 1.13 -17.18
N LEU A 85 -15.83 1.23 -17.13
CA LEU A 85 -15.09 2.27 -17.85
C LEU A 85 -14.96 1.92 -19.35
N PHE A 86 -15.24 0.66 -19.71
CA PHE A 86 -15.38 0.34 -21.12
C PHE A 86 -16.53 1.14 -21.76
N SER A 87 -17.43 1.73 -20.95
CA SER A 87 -18.60 2.46 -21.47
C SER A 87 -18.32 3.94 -21.67
N VAL A 88 -17.18 4.39 -21.15
CA VAL A 88 -16.75 5.74 -21.29
C VAL A 88 -15.40 5.83 -22.01
N LYS A 89 -15.09 4.84 -22.85
CA LYS A 89 -13.81 4.81 -23.54
C LYS A 89 -13.61 5.96 -24.54
N GLU A 90 -14.71 6.64 -24.88
CA GLU A 90 -14.66 7.82 -25.71
C GLU A 90 -14.07 9.06 -25.03
N GLN A 91 -14.32 9.24 -23.73
CA GLN A 91 -13.71 10.36 -22.96
C GLN A 91 -12.30 10.03 -22.41
N LEU A 92 -12.05 8.74 -22.27
CA LEU A 92 -10.94 8.22 -21.47
C LEU A 92 -10.06 7.27 -22.33
N ASP A 93 -8.78 7.61 -22.49
CA ASP A 93 -7.87 6.94 -23.42
C ASP A 93 -7.26 5.69 -22.76
N LEU A 94 -7.96 4.57 -22.91
CA LEU A 94 -7.63 3.29 -22.27
C LEU A 94 -6.37 2.62 -22.79
N ALA A 95 -6.12 2.72 -24.08
CA ALA A 95 -4.89 2.19 -24.72
C ALA A 95 -3.55 2.64 -24.15
N GLN A 96 -3.52 3.69 -23.35
CA GLN A 96 -2.32 4.13 -22.62
C GLN A 96 -1.90 3.22 -21.45
N PHE A 97 -2.78 2.31 -21.05
CA PHE A 97 -2.59 1.45 -19.88
C PHE A 97 -2.40 0.02 -20.34
N ASP A 98 -1.36 -0.64 -19.83
CA ASP A 98 -1.05 -2.00 -20.29
C ASP A 98 -2.25 -2.95 -20.00
N PRO A 99 -2.60 -3.83 -20.96
CA PRO A 99 -3.79 -4.69 -20.86
C PRO A 99 -3.85 -5.61 -19.63
N LYS A 100 -2.69 -5.90 -19.06
CA LYS A 100 -2.51 -6.84 -17.97
C LYS A 100 -2.59 -6.11 -16.64
N GLU A 101 -2.22 -4.83 -16.64
CA GLU A 101 -2.57 -3.96 -15.53
C GLU A 101 -4.09 -3.73 -15.49
N LEU A 102 -4.70 -3.47 -16.66
CA LEU A 102 -6.15 -3.28 -16.75
C LEU A 102 -6.91 -4.53 -16.37
N GLN A 103 -6.33 -5.70 -16.64
CA GLN A 103 -6.88 -6.94 -16.09
C GLN A 103 -6.90 -7.05 -14.56
N GLN A 104 -5.93 -6.46 -13.86
CA GLN A 104 -6.01 -6.42 -12.39
C GLN A 104 -7.20 -5.58 -11.87
N THR A 105 -7.77 -4.73 -12.74
CA THR A 105 -8.86 -3.84 -12.33
C THR A 105 -10.20 -4.16 -13.00
N THR A 106 -10.25 -5.31 -13.68
CA THR A 106 -11.43 -5.77 -14.36
C THR A 106 -12.08 -6.91 -13.59
N VAL A 107 -13.41 -6.84 -13.44
CA VAL A 107 -14.14 -7.91 -12.73
C VAL A 107 -15.29 -8.38 -13.59
N ASN A 108 -15.39 -9.69 -13.83
CA ASN A 108 -16.40 -10.19 -14.78
C ASN A 108 -16.55 -9.36 -16.04
N GLY A 109 -15.42 -9.00 -16.67
CA GLY A 109 -15.39 -8.30 -17.95
C GLY A 109 -15.72 -6.82 -17.88
N LYS A 110 -15.92 -6.32 -16.65
CA LYS A 110 -16.25 -4.92 -16.43
C LYS A 110 -15.03 -4.17 -15.87
N LEU A 111 -14.65 -3.08 -16.53
CA LEU A 111 -13.53 -2.27 -16.09
C LEU A 111 -13.91 -1.36 -14.90
N ASN A 112 -13.43 -1.72 -13.71
CA ASN A 112 -13.85 -1.05 -12.46
C ASN A 112 -13.00 0.15 -12.02
N GLY A 113 -11.78 0.24 -12.52
CA GLY A 113 -10.86 1.32 -12.11
C GLY A 113 -9.78 1.42 -13.15
N ILE A 114 -9.18 2.60 -13.27
CA ILE A 114 -7.94 2.73 -14.03
C ILE A 114 -6.76 2.67 -13.07
N PRO A 115 -5.89 1.65 -13.23
CA PRO A 115 -4.72 1.62 -12.34
C PRO A 115 -3.77 2.83 -12.61
N ILE A 116 -3.47 3.55 -11.52
CA ILE A 116 -2.68 4.79 -11.57
C ILE A 116 -1.17 4.47 -11.67
N SER A 117 -0.77 3.53 -10.82
CA SER A 117 0.58 3.06 -10.66
C SER A 117 0.52 1.66 -10.05
N VAL A 118 1.69 1.03 -10.05
CA VAL A 118 1.90 -0.23 -9.35
C VAL A 118 2.94 -0.03 -8.25
N THR A 119 2.97 -0.97 -7.30
CA THR A 119 3.73 -0.83 -6.09
C THR A 119 3.96 -2.19 -5.43
N ALA A 120 5.03 -2.30 -4.66
CA ALA A 120 5.20 -3.45 -3.78
C ALA A 120 5.76 -2.84 -2.49
N ARG A 121 5.53 -3.46 -1.33
CA ARG A 121 6.24 -3.03 -0.10
C ARG A 121 7.69 -3.47 -0.18
N ILE A 122 8.65 -2.54 0.03
CA ILE A 122 10.08 -2.90 0.12
C ILE A 122 10.70 -2.13 1.30
N PHE A 123 11.92 -2.51 1.67
CA PHE A 123 12.66 -1.88 2.77
C PHE A 123 13.30 -0.56 2.38
N TYR A 124 12.97 0.48 3.16
CA TYR A 124 13.67 1.77 3.12
C TYR A 124 14.19 2.07 4.50
N PHE A 125 15.40 2.65 4.55
CA PHE A 125 16.11 2.93 5.82
C PHE A 125 16.52 4.39 5.97
N ASN A 126 16.53 4.85 7.21
CA ASN A 126 17.01 6.18 7.56
C ASN A 126 18.56 6.14 7.47
N ASP A 127 19.12 6.80 6.47
CA ASP A 127 20.58 6.70 6.26
C ASP A 127 21.42 7.36 7.39
N ALA A 128 20.87 8.38 8.02
CA ALA A 128 21.46 9.01 9.19
C ALA A 128 21.63 8.07 10.38
N THR A 129 20.53 7.49 10.85
CA THR A 129 20.58 6.53 11.96
C THR A 129 21.45 5.31 11.70
N TRP A 130 21.30 4.71 10.50
CA TRP A 130 22.12 3.52 10.17
C TRP A 130 23.62 3.81 10.15
N ALA A 131 24.01 4.98 9.62
CA ALA A 131 25.39 5.51 9.75
C ALA A 131 25.89 5.56 11.20
N LYS A 132 25.16 6.20 12.10
CA LYS A 132 25.48 6.19 13.52
C LYS A 132 25.56 4.76 14.10
N ALA A 133 24.69 3.86 13.65
CA ALA A 133 24.68 2.50 14.20
C ALA A 133 25.94 1.77 13.72
N GLY A 134 26.52 2.27 12.63
CA GLY A 134 27.66 1.64 12.02
C GLY A 134 27.34 0.36 11.25
N LEU A 135 26.05 0.13 10.95
CA LEU A 135 25.61 -1.06 10.23
C LEU A 135 25.31 -0.83 8.76
N GLU A 136 25.65 -1.85 7.98
CA GLU A 136 25.18 -2.00 6.63
C GLU A 136 23.72 -2.46 6.65
N TYR A 137 23.02 -2.16 5.57
CA TYR A 137 21.63 -2.55 5.46
C TYR A 137 21.59 -4.07 5.34
N PRO A 138 20.58 -4.73 5.97
CA PRO A 138 20.57 -6.18 5.96
C PRO A 138 20.34 -6.68 4.55
N LYS A 139 21.07 -7.72 4.14
CA LYS A 139 20.91 -8.41 2.85
C LYS A 139 20.16 -9.73 3.07
N THR A 140 20.06 -10.16 4.32
CA THR A 140 19.37 -11.41 4.63
C THR A 140 18.39 -11.25 5.79
N TRP A 141 17.46 -12.20 5.89
CA TRP A 141 16.51 -12.19 6.97
C TRP A 141 17.26 -12.27 8.32
N ASP A 142 18.32 -13.08 8.35
CA ASP A 142 19.17 -13.30 9.54
C ASP A 142 19.84 -11.99 9.95
N GLU A 143 20.37 -11.25 8.98
CA GLU A 143 20.86 -9.89 9.23
C GLU A 143 19.82 -8.90 9.76
N LEU A 144 18.59 -8.97 9.26
CA LEU A 144 17.54 -8.05 9.73
C LEU A 144 17.32 -8.26 11.22
N LEU A 145 17.13 -9.54 11.58
CA LEU A 145 16.88 -10.00 12.94
C LEU A 145 18.07 -9.78 13.89
N ALA A 146 19.29 -9.82 13.33
CA ALA A 146 20.52 -9.54 14.08
C ALA A 146 20.77 -8.05 14.23
N ALA A 147 20.07 -7.23 13.44
CA ALA A 147 20.29 -5.75 13.49
C ALA A 147 19.73 -5.12 14.73
N GLY A 148 18.68 -5.73 15.31
CA GLY A 148 17.97 -5.15 16.45
C GLY A 148 18.83 -5.00 17.70
N LYS A 149 19.53 -6.10 18.07
CA LYS A 149 20.54 -6.11 19.13
C LYS A 149 21.63 -5.03 18.96
N VAL A 150 22.14 -4.86 17.74
CA VAL A 150 23.16 -3.82 17.47
C VAL A 150 22.62 -2.41 17.68
N PHE A 151 21.44 -2.12 17.14
CA PHE A 151 20.79 -0.85 17.42
C PHE A 151 20.63 -0.58 18.93
N LYS A 152 20.09 -1.58 19.63
CA LYS A 152 19.77 -1.55 21.04
C LYS A 152 20.99 -1.29 21.92
N GLU A 153 22.11 -1.88 21.54
CA GLU A 153 23.30 -1.86 22.36
C GLU A 153 24.16 -0.69 21.96
N LYS A 154 24.30 -0.49 20.65
CA LYS A 154 25.11 0.60 20.14
C LYS A 154 24.50 1.97 20.35
N LEU A 155 23.20 2.15 20.10
CA LEU A 155 22.62 3.48 20.12
C LEU A 155 21.67 3.72 21.31
N GLY A 156 21.01 2.66 21.78
CA GLY A 156 20.10 2.77 22.93
C GLY A 156 18.77 2.07 22.75
N ASP A 157 18.11 1.77 23.87
CA ASP A 157 16.84 1.02 23.91
C ASP A 157 15.74 1.62 23.03
N GLN A 158 15.81 2.93 22.83
CA GLN A 158 14.80 3.68 22.07
C GLN A 158 14.99 3.56 20.54
N TYR A 159 16.18 3.11 20.13
CA TYR A 159 16.56 2.91 18.72
C TYR A 159 16.23 1.53 18.19
N TYR A 160 15.63 1.54 16.99
CA TYR A 160 15.11 0.35 16.30
C TYR A 160 15.51 0.39 14.82
N PRO A 161 15.90 -0.76 14.25
CA PRO A 161 16.20 -0.82 12.79
C PRO A 161 15.07 -0.34 11.90
N VAL A 162 13.83 -0.73 12.22
CA VAL A 162 12.63 -0.32 11.47
C VAL A 162 11.47 -0.04 12.44
N VAL A 163 10.41 0.58 11.97
CA VAL A 163 9.12 0.44 12.67
C VAL A 163 8.17 -0.29 11.71
N LEU A 164 7.35 -1.17 12.23
CA LEU A 164 6.40 -1.91 11.42
C LEU A 164 5.01 -1.76 12.04
N GLU A 165 4.05 -1.25 11.27
CA GLU A 165 2.66 -1.24 11.72
C GLU A 165 2.18 -2.63 11.42
N HIS A 166 1.08 -3.02 12.05
CA HIS A 166 0.67 -4.43 11.94
C HIS A 166 0.44 -4.91 10.49
N GLN A 167 -0.16 -4.09 9.65
CA GLN A 167 -0.34 -4.46 8.25
C GLN A 167 1.00 -4.71 7.49
N ASP A 168 2.03 -3.90 7.81
CA ASP A 168 3.38 -4.05 7.25
C ASP A 168 3.99 -5.38 7.65
N THR A 169 3.95 -5.65 8.96
CA THR A 169 4.34 -6.96 9.52
C THR A 169 3.64 -8.12 8.84
N LEU A 170 2.32 -8.04 8.69
CA LEU A 170 1.59 -9.14 8.02
C LEU A 170 2.18 -9.50 6.65
N ALA A 171 2.40 -8.46 5.85
CA ALA A 171 3.05 -8.59 4.53
C ALA A 171 4.48 -9.15 4.55
N LEU A 172 5.26 -8.72 5.53
CA LEU A 172 6.68 -9.06 5.70
C LEU A 172 6.83 -10.53 6.05
N ILE A 173 6.11 -10.99 7.09
CA ILE A 173 6.27 -12.42 7.45
C ILE A 173 5.71 -13.32 6.33
N ARG A 174 4.64 -12.90 5.68
CA ARG A 174 4.17 -13.62 4.50
C ARG A 174 5.21 -13.73 3.38
N SER A 175 5.91 -12.65 3.11
CA SER A 175 6.98 -12.67 2.10
C SER A 175 8.02 -13.69 2.51
N TYR A 176 8.41 -13.71 3.78
CA TYR A 176 9.34 -14.73 4.29
C TYR A 176 8.75 -16.16 4.10
N MET A 177 7.48 -16.36 4.47
CA MET A 177 6.83 -17.68 4.29
C MET A 177 6.68 -18.11 2.82
N THR A 178 6.44 -17.16 1.92
CA THR A 178 6.43 -17.43 0.48
C THR A 178 7.79 -17.85 -0.07
N GLN A 179 8.84 -17.17 0.36
CA GLN A 179 10.19 -17.59 0.05
C GLN A 179 10.47 -19.05 0.45
N LYS A 180 10.04 -19.43 1.66
CA LYS A 180 10.40 -20.72 2.21
C LYS A 180 9.58 -21.87 1.66
N TYR A 181 8.28 -21.62 1.51
CA TYR A 181 7.34 -22.67 1.20
C TYR A 181 6.74 -22.58 -0.20
N ASN A 182 6.83 -21.40 -0.82
CA ASN A 182 6.36 -21.18 -2.19
C ASN A 182 4.93 -21.63 -2.46
N ILE A 183 4.06 -21.35 -1.51
CA ILE A 183 2.64 -21.55 -1.66
C ILE A 183 1.84 -20.23 -1.45
N PRO A 184 0.70 -20.09 -2.17
CA PRO A 184 -0.18 -18.98 -1.92
C PRO A 184 -0.58 -18.95 -0.46
N THR A 185 -0.77 -17.76 0.11
CA THR A 185 -1.19 -17.58 1.48
C THR A 185 -2.69 -17.94 1.66
N ILE A 186 -3.49 -17.68 0.61
CA ILE A 186 -4.94 -17.94 0.64
C ILE A 186 -5.21 -18.98 -0.39
N ASP A 187 -6.02 -19.95 0.00
CA ASP A 187 -6.49 -20.99 -0.85
C ASP A 187 -7.88 -20.51 -1.33
N GLU A 188 -7.96 -19.99 -2.54
CA GLU A 188 -9.22 -19.40 -2.99
C GLU A 188 -10.32 -20.45 -3.32
N ALA A 189 -9.94 -21.60 -3.88
CA ALA A 189 -10.89 -22.71 -4.10
C ALA A 189 -11.64 -23.06 -2.83
N ASN A 190 -10.89 -23.18 -1.74
CA ASN A 190 -11.50 -23.59 -0.48
C ASN A 190 -11.93 -22.48 0.45
N LYS A 191 -11.88 -21.23 -0.03
CA LYS A 191 -12.14 -20.01 0.79
C LYS A 191 -11.55 -20.08 2.20
N LYS A 192 -10.22 -20.21 2.25
CA LYS A 192 -9.53 -20.36 3.52
C LYS A 192 -8.04 -20.09 3.32
N PHE A 193 -7.33 -19.85 4.42
CA PHE A 193 -5.87 -19.82 4.39
C PHE A 193 -5.23 -21.16 4.05
N ALA A 194 -4.13 -21.09 3.32
CA ALA A 194 -3.41 -22.29 2.87
C ALA A 194 -2.45 -22.90 3.91
N TYR A 195 -1.99 -22.07 4.88
CA TYR A 195 -0.99 -22.53 5.85
C TYR A 195 -1.52 -23.63 6.78
N SER A 196 -0.69 -24.64 6.99
CA SER A 196 -0.89 -25.59 8.07
C SER A 196 -0.84 -24.91 9.47
N PRO A 197 -1.41 -25.57 10.50
CA PRO A 197 -1.39 -25.04 11.87
C PRO A 197 0.03 -24.70 12.34
N GLU A 198 0.99 -25.48 11.86
CA GLU A 198 2.41 -25.41 12.18
C GLU A 198 3.09 -24.19 11.50
N GLN A 199 2.71 -23.91 10.26
CA GLN A 199 3.19 -22.73 9.55
C GLN A 199 2.63 -21.45 10.19
N TRP A 200 1.41 -21.50 10.75
CA TRP A 200 0.89 -20.40 11.54
C TRP A 200 1.64 -20.26 12.86
N VAL A 201 2.03 -21.36 13.49
CA VAL A 201 2.98 -21.29 14.65
C VAL A 201 4.27 -20.60 14.20
N GLU A 202 4.85 -21.05 13.08
CA GLU A 202 6.08 -20.43 12.54
C GLU A 202 5.98 -18.93 12.21
N PHE A 203 4.80 -18.50 11.72
CA PHE A 203 4.50 -17.12 11.36
C PHE A 203 4.54 -16.21 12.63
N PHE A 204 3.80 -16.62 13.66
CA PHE A 204 3.73 -15.86 14.90
C PHE A 204 4.98 -15.97 15.76
N THR A 205 5.65 -17.11 15.64
CA THR A 205 6.97 -17.26 16.26
C THR A 205 8.01 -16.31 15.65
N MET A 206 7.91 -16.06 14.34
CA MET A 206 8.82 -15.13 13.69
C MET A 206 8.60 -13.73 14.19
N TYR A 207 7.34 -13.34 14.34
CA TYR A 207 6.95 -12.05 14.91
C TYR A 207 7.58 -11.87 16.29
N LYS A 208 7.44 -12.92 17.11
CA LYS A 208 7.89 -12.84 18.47
C LYS A 208 9.40 -12.79 18.51
N THR A 209 10.07 -13.53 17.62
CA THR A 209 11.52 -13.46 17.52
C THR A 209 11.98 -12.01 17.23
N MET A 210 11.37 -11.34 16.23
CA MET A 210 11.75 -9.98 15.78
C MET A 210 11.51 -8.95 16.86
N VAL A 211 10.40 -9.09 17.59
CA VAL A 211 10.09 -8.22 18.73
C VAL A 211 11.08 -8.38 19.90
N ASP A 212 11.41 -9.63 20.25
CA ASP A 212 12.42 -10.00 21.30
C ASP A 212 13.83 -9.60 20.94
N ASN A 213 14.16 -9.68 19.64
CA ASN A 213 15.46 -9.29 19.11
C ASN A 213 15.53 -7.77 18.83
N HIS A 214 14.52 -7.03 19.26
CA HIS A 214 14.47 -5.55 19.12
C HIS A 214 14.46 -5.02 17.67
N VAL A 215 13.84 -5.78 16.75
CA VAL A 215 13.85 -5.41 15.33
C VAL A 215 12.95 -4.18 15.16
N MET A 216 11.82 -4.19 15.85
CA MET A 216 10.86 -3.15 15.66
C MET A 216 10.08 -2.97 16.99
N PRO A 217 9.46 -1.80 17.16
CA PRO A 217 8.58 -1.69 18.32
C PRO A 217 7.54 -2.77 18.46
N SER A 218 7.36 -3.28 19.70
CA SER A 218 6.25 -4.13 19.98
C SER A 218 5.03 -3.23 19.89
N THR A 219 3.85 -3.82 19.82
CA THR A 219 2.63 -3.03 19.67
C THR A 219 2.35 -2.29 20.98
N LYS A 220 2.91 -2.80 22.09
CA LYS A 220 2.81 -2.16 23.41
C LYS A 220 3.70 -0.94 23.49
N TYR A 221 4.94 -1.07 23.07
CA TYR A 221 5.82 0.13 23.02
C TYR A 221 5.29 1.16 22.05
N TYR A 222 4.87 0.68 20.87
CA TYR A 222 4.32 1.52 19.83
C TYR A 222 3.16 2.35 20.37
N ALA A 223 2.31 1.69 21.18
CA ALA A 223 1.15 2.35 21.78
C ALA A 223 1.51 3.39 22.88
N SER A 224 2.76 3.46 23.33
CA SER A 224 3.12 4.41 24.40
C SER A 224 3.32 5.84 23.89
N PHE A 225 3.17 6.04 22.58
CA PHE A 225 3.49 7.30 21.90
C PHE A 225 2.34 8.25 21.65
N GLY A 226 1.24 7.72 21.11
CA GLY A 226 0.12 8.56 20.69
C GLY A 226 -0.59 7.90 19.51
N LYS A 227 -1.75 8.44 19.12
CA LYS A 227 -2.56 7.79 18.08
C LYS A 227 -2.22 8.29 16.63
N SER A 228 -1.23 9.18 16.55
CA SER A 228 -0.78 9.80 15.31
C SER A 228 -0.59 8.82 14.14
N ASN A 229 -0.57 9.37 12.92
CA ASN A 229 -0.03 8.66 11.77
C ASN A 229 1.42 8.33 12.09
N MET A 230 1.90 7.17 11.66
CA MET A 230 3.24 6.75 12.04
C MET A 230 4.35 7.73 11.61
N TYR A 231 4.21 8.28 10.39
CA TYR A 231 5.21 9.19 9.81
C TYR A 231 5.21 10.58 10.50
N GLU A 232 4.31 10.72 11.47
CA GLU A 232 4.06 11.94 12.17
C GLU A 232 4.45 11.84 13.64
N MET A 233 4.97 10.67 13.99
CA MET A 233 5.45 10.38 15.34
C MET A 233 6.85 10.94 15.53
N LYS A 234 7.15 11.39 16.75
CA LYS A 234 8.49 11.88 17.12
C LYS A 234 9.60 10.85 16.81
N PRO A 235 9.44 9.57 17.26
CA PRO A 235 10.55 8.62 17.02
C PRO A 235 10.81 8.28 15.54
N TRP A 236 9.79 8.46 14.69
CA TRP A 236 9.99 8.48 13.24
C TRP A 236 10.73 9.74 12.76
N ILE A 237 10.20 10.91 13.09
CA ILE A 237 10.83 12.19 12.70
C ILE A 237 12.28 12.27 13.16
N ASN A 238 12.56 11.98 14.44
CA ASN A 238 13.95 12.09 14.98
C ASN A 238 14.93 10.92 14.67
N GLY A 239 14.56 9.98 13.80
CA GLY A 239 15.47 8.92 13.39
C GLY A 239 15.53 7.69 14.28
N GLU A 240 14.76 7.67 15.36
CA GLU A 240 14.94 6.56 16.31
C GLU A 240 14.38 5.26 15.73
N TRP A 241 13.30 5.40 14.97
CA TRP A 241 12.74 4.30 14.22
C TRP A 241 13.29 4.35 12.79
N ALA A 242 14.27 3.50 12.49
CA ALA A 242 15.19 3.79 11.36
C ALA A 242 14.88 3.09 10.03
N GLY A 243 13.61 2.85 9.73
CA GLY A 243 13.20 2.33 8.45
C GLY A 243 11.73 1.88 8.47
N THR A 244 11.30 1.39 7.32
CA THR A 244 9.92 1.11 7.00
C THR A 244 9.87 0.06 5.88
N TYR A 245 8.86 -0.80 5.96
CA TYR A 245 8.56 -1.75 4.91
C TYR A 245 7.31 -1.17 4.25
N MET A 246 7.53 -0.53 3.11
CA MET A 246 6.58 0.46 2.59
C MET A 246 6.44 0.47 1.08
N TRP A 247 5.21 0.70 0.64
CA TRP A 247 4.87 0.97 -0.74
C TRP A 247 5.78 2.04 -1.32
N ASN A 248 6.49 1.71 -2.39
CA ASN A 248 7.35 2.67 -3.11
C ASN A 248 6.56 3.84 -3.65
N SER A 249 5.25 3.62 -3.82
CA SER A 249 4.37 4.59 -4.43
C SER A 249 3.97 5.70 -3.44
N THR A 250 4.19 5.48 -2.16
CA THR A 250 3.88 6.49 -1.16
C THR A 250 5.04 6.75 -0.20
N ILE A 251 6.26 6.56 -0.70
CA ILE A 251 7.43 6.62 0.19
C ILE A 251 7.76 8.05 0.63
N THR A 252 7.39 9.06 -0.17
CA THR A 252 7.64 10.46 0.24
C THR A 252 6.71 10.92 1.39
N LYS A 253 5.56 10.30 1.62
CA LYS A 253 4.74 10.62 2.79
C LYS A 253 5.58 10.41 4.06
N TYR A 254 6.66 9.61 3.94
CA TYR A 254 7.46 9.11 5.05
C TYR A 254 8.79 9.87 5.19
N SER A 255 9.53 9.87 4.10
CA SER A 255 10.84 10.53 4.02
C SER A 255 10.78 12.07 4.07
N ASP A 256 9.61 12.66 3.76
CA ASP A 256 9.40 14.13 3.84
C ASP A 256 9.37 14.62 5.28
N ASN A 257 8.90 13.79 6.21
CA ASN A 257 8.94 14.13 7.66
C ASN A 257 10.19 13.77 8.44
N LEU A 258 11.24 13.31 7.76
CA LEU A 258 12.53 13.11 8.43
C LEU A 258 13.23 14.46 8.71
N THR A 259 14.16 14.43 9.64
CA THR A 259 14.88 15.62 10.06
C THR A 259 16.04 15.71 9.16
N LYS A 260 16.15 16.79 8.36
CA LYS A 260 17.29 16.98 7.45
C LYS A 260 18.60 17.00 8.27
N PRO A 261 19.71 16.48 7.70
CA PRO A 261 19.81 15.97 6.34
C PRO A 261 19.48 14.45 6.16
N ALA A 262 18.67 13.85 7.04
CA ALA A 262 18.31 12.44 6.90
C ALA A 262 17.41 12.18 5.70
N LYS A 263 17.76 11.12 4.96
CA LYS A 263 16.87 10.58 3.91
C LYS A 263 16.48 9.10 4.12
N LEU A 264 15.34 8.72 3.57
CA LEU A 264 15.01 7.32 3.36
C LEU A 264 15.72 6.83 2.14
N VAL A 265 16.29 5.64 2.23
CA VAL A 265 17.14 5.09 1.19
C VAL A 265 16.73 3.65 0.98
N LEU A 266 16.69 3.23 -0.28
CA LEU A 266 16.33 1.88 -0.64
C LEU A 266 17.26 0.88 0.03
N GLY A 267 16.69 -0.03 0.82
CA GLY A 267 17.43 -1.18 1.25
C GLY A 267 17.40 -2.39 0.30
N PRO A 268 18.33 -3.32 0.51
CA PRO A 268 18.24 -4.58 -0.18
C PRO A 268 16.95 -5.38 0.19
N TYR A 269 16.61 -6.36 -0.62
CA TYR A 269 15.44 -7.12 -0.30
C TYR A 269 15.85 -8.53 0.09
N PRO A 270 15.57 -8.90 1.35
CA PRO A 270 16.05 -10.21 1.82
C PRO A 270 15.40 -11.42 1.11
N MET A 271 16.24 -12.36 0.67
CA MET A 271 15.81 -13.50 -0.14
C MET A 271 16.47 -14.79 0.35
N LEU A 272 15.68 -15.71 0.90
CA LEU A 272 16.25 -16.97 1.37
C LEU A 272 16.98 -17.67 0.24
N PRO A 273 18.21 -18.11 0.51
CA PRO A 273 18.83 -19.06 -0.43
C PRO A 273 17.86 -20.18 -0.84
N GLY A 274 17.76 -20.45 -2.13
CA GLY A 274 16.86 -21.47 -2.62
C GLY A 274 15.41 -21.06 -2.84
N ALA A 275 15.05 -19.83 -2.43
CA ALA A 275 13.70 -19.28 -2.71
C ALA A 275 13.46 -19.17 -4.23
N LYS A 276 12.27 -19.58 -4.68
CA LYS A 276 11.81 -19.47 -6.04
C LYS A 276 10.98 -18.15 -6.32
N ASP A 277 10.69 -17.39 -5.27
CA ASP A 277 9.74 -16.29 -5.27
C ASP A 277 9.98 -15.49 -4.01
N ALA A 278 10.22 -14.21 -4.18
CA ALA A 278 10.43 -13.21 -3.14
C ALA A 278 9.21 -12.96 -2.21
N GLY A 279 8.02 -13.39 -2.62
CA GLY A 279 6.79 -13.14 -1.88
C GLY A 279 6.50 -11.69 -1.63
N LEU A 280 6.63 -10.88 -2.67
CA LEU A 280 6.24 -9.48 -2.62
C LEU A 280 4.72 -9.35 -2.63
N PHE A 281 4.21 -8.32 -1.98
CA PHE A 281 2.84 -7.91 -2.15
C PHE A 281 2.87 -6.82 -3.26
N PHE A 282 2.75 -7.26 -4.51
CA PHE A 282 2.86 -6.42 -5.68
C PHE A 282 1.47 -6.32 -6.27
N LYS A 283 0.99 -5.11 -6.50
CA LYS A 283 -0.40 -4.86 -6.83
C LYS A 283 -0.46 -3.48 -7.51
N PRO A 284 -1.64 -3.16 -8.11
CA PRO A 284 -1.94 -1.77 -8.45
C PRO A 284 -2.05 -0.95 -7.17
N ALA A 285 -1.43 0.23 -7.19
CA ALA A 285 -1.24 0.98 -5.96
C ALA A 285 -2.59 1.59 -5.57
N GLN A 286 -3.31 2.00 -6.62
CA GLN A 286 -4.59 2.70 -6.54
C GLN A 286 -5.19 2.89 -7.94
N MET A 287 -6.49 3.17 -7.94
CA MET A 287 -7.23 3.28 -9.17
C MET A 287 -8.01 4.55 -9.12
N LEU A 288 -8.45 5.05 -10.27
CA LEU A 288 -9.58 6.03 -10.30
C LEU A 288 -10.78 5.32 -10.84
N SER A 289 -11.89 5.40 -10.09
CA SER A 289 -13.19 4.79 -10.45
C SER A 289 -14.31 5.80 -10.59
N ILE A 290 -15.38 5.43 -11.28
CA ILE A 290 -16.56 6.24 -11.44
C ILE A 290 -17.70 5.57 -10.64
N GLY A 291 -18.47 6.38 -9.91
CA GLY A 291 -19.65 5.89 -9.22
C GLY A 291 -20.57 5.13 -10.15
N LYS A 292 -21.00 3.95 -9.70
CA LYS A 292 -22.05 3.10 -10.34
C LYS A 292 -23.27 3.87 -10.90
N SER A 293 -23.79 4.81 -10.11
CA SER A 293 -25.02 5.53 -10.47
C SER A 293 -24.74 6.98 -10.70
N THR A 294 -23.49 7.31 -11.03
CA THR A 294 -23.21 8.68 -11.37
C THR A 294 -24.21 9.16 -12.40
N LYS A 295 -24.68 10.37 -12.20
CA LYS A 295 -25.52 11.04 -13.20
C LYS A 295 -24.63 11.71 -14.31
N HIS A 296 -23.31 11.78 -14.08
CA HIS A 296 -22.37 12.35 -15.07
C HIS A 296 -21.16 11.48 -15.41
N PRO A 297 -21.39 10.24 -16.00
CA PRO A 297 -20.31 9.29 -16.33
C PRO A 297 -19.29 9.86 -17.33
N GLN A 298 -19.78 10.63 -18.30
CA GLN A 298 -18.93 11.29 -19.30
C GLN A 298 -18.08 12.40 -18.77
N GLU A 299 -18.61 13.23 -17.89
CA GLU A 299 -17.79 14.27 -17.27
C GLU A 299 -16.88 13.63 -16.26
N SER A 300 -17.31 12.54 -15.62
CA SER A 300 -16.45 11.82 -14.68
C SER A 300 -15.23 11.20 -15.44
N ALA A 301 -15.49 10.50 -16.55
CA ALA A 301 -14.47 10.03 -17.48
C ALA A 301 -13.48 11.11 -17.96
N MET A 302 -13.97 12.24 -18.40
CA MET A 302 -13.13 13.37 -18.78
C MET A 302 -12.14 13.80 -17.68
N LEU A 303 -12.65 13.91 -16.44
CA LEU A 303 -11.81 14.25 -15.31
C LEU A 303 -10.70 13.21 -15.08
N ILE A 304 -11.05 11.91 -15.03
CA ILE A 304 -10.02 10.84 -14.94
C ILE A 304 -9.01 10.89 -16.09
N ASN A 305 -9.48 11.06 -17.33
CA ASN A 305 -8.53 11.27 -18.46
C ASN A 305 -7.59 12.49 -18.27
N PHE A 306 -8.13 13.56 -17.74
CA PHE A 306 -7.37 14.78 -17.55
C PHE A 306 -6.19 14.52 -16.59
N LEU A 307 -6.56 13.97 -15.45
CA LEU A 307 -5.64 13.66 -14.34
C LEU A 307 -4.51 12.67 -14.67
N LEU A 308 -4.82 11.69 -15.50
CA LEU A 308 -3.94 10.53 -15.73
C LEU A 308 -3.23 10.61 -17.07
N ASN A 309 -3.87 11.27 -18.05
CA ASN A 309 -3.36 11.32 -19.44
C ASN A 309 -2.96 12.70 -20.00
N SER A 310 -3.71 13.76 -19.70
CA SER A 310 -3.41 15.11 -20.27
C SER A 310 -2.06 15.68 -19.78
N LYS A 311 -1.35 16.43 -20.66
CA LYS A 311 -0.15 17.16 -20.28
C LYS A 311 -0.35 17.93 -18.99
N GLU A 312 -1.45 18.63 -18.89
CA GLU A 312 -1.64 19.51 -17.77
C GLU A 312 -1.92 18.76 -16.43
N GLY A 313 -2.78 17.77 -16.46
CA GLY A 313 -3.11 16.92 -15.31
C GLY A 313 -1.90 16.14 -14.89
N VAL A 314 -1.30 15.45 -15.85
CA VAL A 314 -0.07 14.72 -15.57
C VAL A 314 1.02 15.62 -14.96
N GLU A 315 1.26 16.80 -15.52
CA GLU A 315 2.28 17.65 -14.93
C GLU A 315 1.98 18.04 -13.48
N ALA A 316 0.76 18.47 -13.23
CA ALA A 316 0.28 18.90 -11.90
C ALA A 316 0.42 17.80 -10.86
N LEU A 317 0.09 16.57 -11.25
CA LEU A 317 -0.03 15.44 -10.32
C LEU A 317 1.30 14.84 -9.93
N GLY A 318 2.28 15.01 -10.84
CA GLY A 318 3.65 14.62 -10.63
C GLY A 318 3.72 13.17 -10.20
N LEU A 319 4.57 12.89 -9.23
CA LEU A 319 4.73 11.55 -8.67
C LEU A 319 4.05 11.29 -7.31
N GLU A 320 3.05 12.07 -6.96
CA GLU A 320 2.43 11.94 -5.66
C GLU A 320 1.60 10.68 -5.45
N ARG A 321 1.59 9.80 -6.45
CA ARG A 321 0.83 8.55 -6.42
C ARG A 321 1.67 7.41 -6.92
N GLY A 322 2.94 7.69 -7.20
CA GLY A 322 3.88 6.73 -7.74
C GLY A 322 4.18 7.04 -9.20
N VAL A 323 4.71 6.05 -9.89
CA VAL A 323 5.18 6.18 -11.26
C VAL A 323 4.03 5.79 -12.19
N PRO A 324 3.53 6.76 -12.98
CA PRO A 324 2.37 6.54 -13.82
C PRO A 324 2.50 5.32 -14.68
N LEU A 325 1.42 4.51 -14.73
CA LEU A 325 1.30 3.46 -15.75
C LEU A 325 0.96 3.99 -17.11
N SER A 326 0.30 5.15 -17.19
CA SER A 326 -0.11 5.68 -18.49
C SER A 326 1.19 5.79 -19.27
N ALA A 327 1.23 5.30 -20.49
CA ALA A 327 2.44 5.44 -21.30
C ALA A 327 2.82 6.93 -21.60
N THR A 328 1.83 7.77 -21.89
CA THR A 328 2.07 9.21 -22.24
C THR A 328 2.57 9.94 -21.01
N ALA A 329 1.92 9.66 -19.88
CA ALA A 329 2.19 10.29 -18.60
C ALA A 329 3.60 10.00 -18.10
N VAL A 330 3.99 8.71 -18.14
CA VAL A 330 5.33 8.30 -17.69
C VAL A 330 6.45 8.77 -18.61
N THR A 331 6.18 8.80 -19.90
CA THR A 331 7.09 9.37 -20.88
C THR A 331 7.29 10.85 -20.64
N GLN A 332 6.20 11.56 -20.34
CA GLN A 332 6.20 13.00 -20.03
C GLN A 332 7.06 13.36 -18.84
N LEU A 333 7.00 12.53 -17.79
CA LEU A 333 7.58 12.88 -16.52
C LEU A 333 9.06 12.51 -16.54
N ARG A 334 9.42 11.62 -17.47
CA ARG A 334 10.81 11.27 -17.69
C ARG A 334 11.44 12.39 -18.49
N ALA A 335 10.74 12.89 -19.51
CA ALA A 335 11.23 13.99 -20.34
C ALA A 335 11.36 15.32 -19.62
N SER A 336 10.57 15.53 -18.58
CA SER A 336 10.64 16.76 -17.79
C SER A 336 11.64 16.65 -16.65
N GLY A 337 12.28 15.49 -16.51
CA GLY A 337 13.33 15.25 -15.53
C GLY A 337 12.78 14.97 -14.14
N VAL A 338 11.48 14.69 -14.06
CA VAL A 338 10.79 14.49 -12.79
C VAL A 338 10.99 13.03 -12.34
N ILE A 339 11.00 12.10 -13.31
CA ILE A 339 11.38 10.73 -13.03
C ILE A 339 12.89 10.58 -13.23
N LYS A 340 13.59 10.29 -12.13
CA LYS A 340 15.03 10.14 -12.08
C LYS A 340 15.21 8.74 -11.53
N ASP A 341 16.15 8.01 -12.15
CA ASP A 341 16.44 6.64 -11.82
C ASP A 341 16.87 6.43 -10.36
N GLU A 342 17.57 7.42 -9.82
CA GLU A 342 18.17 7.33 -8.50
C GLU A 342 17.17 7.65 -7.37
N ASP A 343 16.01 8.24 -7.70
CA ASP A 343 15.01 8.50 -6.68
CA ASP A 343 14.92 8.50 -6.73
C ASP A 343 14.56 7.16 -6.02
N PRO A 344 14.49 7.15 -4.65
CA PRO A 344 14.16 5.91 -3.92
C PRO A 344 12.91 5.18 -4.41
N SER A 345 11.89 5.94 -4.80
CA SER A 345 10.63 5.38 -5.23
C SER A 345 10.70 4.65 -6.57
N VAL A 346 11.46 5.22 -7.51
CA VAL A 346 11.64 4.66 -8.84
C VAL A 346 12.62 3.45 -8.77
N ALA A 347 13.73 3.65 -8.06
CA ALA A 347 14.66 2.60 -7.76
C ALA A 347 14.04 1.42 -7.02
N GLY A 348 13.17 1.71 -6.05
CA GLY A 348 12.42 0.67 -5.34
C GLY A 348 11.63 -0.25 -6.24
N LEU A 349 10.77 0.34 -7.08
CA LEU A 349 10.07 -0.37 -8.17
C LEU A 349 10.96 -1.21 -9.14
N ASN A 350 12.03 -0.62 -9.67
CA ASN A 350 12.96 -1.37 -10.52
C ASN A 350 13.53 -2.58 -9.79
N MET A 351 13.93 -2.42 -8.53
CA MET A 351 14.51 -3.55 -7.82
C MET A 351 13.49 -4.65 -7.62
N ALA A 352 12.29 -4.28 -7.19
CA ALA A 352 11.16 -5.20 -7.05
C ALA A 352 10.85 -5.98 -8.33
N LEU A 353 10.81 -5.30 -9.45
CA LEU A 353 10.48 -5.94 -10.71
C LEU A 353 11.52 -7.00 -11.09
N GLU A 354 12.77 -6.78 -10.71
CA GLU A 354 13.83 -7.73 -10.97
C GLU A 354 13.77 -8.96 -10.04
N LEU A 355 13.11 -8.81 -8.88
CA LEU A 355 12.93 -9.93 -7.95
C LEU A 355 11.93 -10.95 -8.49
N PRO A 356 12.22 -12.25 -8.34
CA PRO A 356 11.27 -13.26 -8.82
C PRO A 356 9.95 -13.15 -8.05
N HIS A 357 8.83 -13.01 -8.76
CA HIS A 357 7.57 -12.55 -8.17
C HIS A 357 6.32 -13.01 -8.92
N LYS A 358 6.37 -14.24 -9.40
CA LYS A 358 5.27 -14.95 -10.10
C LYS A 358 3.98 -15.17 -9.24
N MET A 359 4.17 -15.37 -7.93
CA MET A 359 3.04 -15.51 -7.00
C MET A 359 2.31 -14.18 -6.88
N THR A 360 1.01 -14.16 -7.18
CA THR A 360 0.19 -12.97 -6.93
C THR A 360 -0.55 -13.16 -5.62
N THR A 361 -0.77 -12.02 -4.98
CA THR A 361 -1.43 -11.87 -3.74
C THR A 361 -2.93 -11.78 -4.04
N SER A 362 -3.70 -12.56 -3.29
CA SER A 362 -5.13 -12.53 -3.35
C SER A 362 -5.56 -11.20 -2.70
N PRO A 363 -6.56 -10.49 -3.32
CA PRO A 363 -7.14 -9.30 -2.68
C PRO A 363 -7.70 -9.60 -1.28
N TYR A 364 -8.07 -10.86 -1.03
CA TYR A 364 -8.47 -11.31 0.31
C TYR A 364 -7.40 -11.34 1.40
N PHE A 365 -6.11 -11.39 1.01
CA PHE A 365 -5.00 -11.28 1.97
C PHE A 365 -5.02 -9.88 2.63
N ASP A 366 -5.49 -8.89 1.86
CA ASP A 366 -5.66 -7.49 2.36
C ASP A 366 -7.11 -7.12 2.71
N ASP A 367 -7.89 -8.08 3.18
CA ASP A 367 -9.22 -7.80 3.63
C ASP A 367 -9.04 -7.08 4.94
N PRO A 368 -9.74 -5.93 5.10
CA PRO A 368 -9.57 -5.04 6.23
C PRO A 368 -9.85 -5.72 7.55
N GLN A 369 -10.85 -6.61 7.58
CA GLN A 369 -11.08 -7.41 8.79
C GLN A 369 -9.91 -8.41 9.04
N ILE A 370 -9.30 -9.00 8.00
CA ILE A 370 -8.08 -9.82 8.18
C ILE A 370 -6.92 -8.99 8.73
N VAL A 371 -6.72 -7.77 8.21
CA VAL A 371 -5.67 -6.87 8.69
C VAL A 371 -5.86 -6.41 10.15
N SER A 372 -7.13 -6.12 10.49
CA SER A 372 -7.53 -5.77 11.84
C SER A 372 -7.36 -6.98 12.78
N LEU A 373 -7.72 -8.18 12.31
CA LEU A 373 -7.50 -9.41 13.09
C LEU A 373 -6.02 -9.65 13.37
N PHE A 374 -5.18 -9.39 12.38
CA PHE A 374 -3.73 -9.56 12.56
C PHE A 374 -3.19 -8.69 13.68
N GLY A 375 -3.56 -7.40 13.71
CA GLY A 375 -3.12 -6.46 14.77
C GLY A 375 -3.61 -6.86 16.16
N ASP A 376 -4.85 -7.32 16.24
CA ASP A 376 -5.41 -7.93 17.46
C ASP A 376 -4.58 -9.06 17.97
N ALA A 377 -4.17 -9.93 17.04
CA ALA A 377 -3.41 -11.17 17.31
C ALA A 377 -1.99 -10.97 17.86
N ILE A 378 -1.21 -10.08 17.23
CA ILE A 378 0.14 -9.74 17.74
C ILE A 378 0.04 -8.89 19.03
N GLN A 379 -1.09 -8.21 19.23
CA GLN A 379 -1.33 -7.51 20.51
C GLN A 379 -1.63 -8.52 21.65
N TYR A 380 -2.34 -9.58 21.32
CA TYR A 380 -2.57 -10.66 22.26
C TYR A 380 -1.22 -11.11 22.79
N ILE A 381 -0.29 -11.35 21.88
CA ILE A 381 1.07 -11.81 22.16
C ILE A 381 1.88 -10.83 22.99
N ASP A 382 1.95 -9.55 22.53
CA ASP A 382 2.76 -8.48 23.17
C ASP A 382 2.27 -8.11 24.60
N TYR A 383 0.96 -8.09 24.80
CA TYR A 383 0.40 -7.80 26.12
C TYR A 383 0.24 -9.09 26.98
N GLY A 384 0.90 -10.18 26.57
CA GLY A 384 0.97 -11.43 27.33
C GLY A 384 -0.32 -12.19 27.54
N GLN A 385 -1.34 -11.89 26.73
CA GLN A 385 -2.70 -12.44 26.91
C GLN A 385 -2.93 -13.77 26.24
N LYS A 386 -2.20 -14.02 25.15
CA LYS A 386 -2.22 -15.34 24.50
C LYS A 386 -0.79 -15.72 24.26
N THR A 387 -0.49 -17.01 24.37
CA THR A 387 0.78 -17.51 23.92
C THR A 387 0.85 -17.43 22.37
N VAL A 388 2.04 -17.62 21.83
CA VAL A 388 2.26 -17.74 20.40
C VAL A 388 1.39 -18.89 19.83
N GLN A 389 1.47 -20.08 20.46
CA GLN A 389 0.64 -21.25 20.12
C GLN A 389 -0.84 -20.86 20.03
N GLU A 390 -1.36 -20.25 21.10
CA GLU A 390 -2.76 -19.85 21.15
C GLU A 390 -3.16 -18.76 20.13
N THR A 391 -2.29 -17.78 19.93
CA THR A 391 -2.47 -16.70 18.91
C THR A 391 -2.52 -17.24 17.48
N ALA A 392 -1.59 -18.12 17.15
CA ALA A 392 -1.59 -18.80 15.86
C ALA A 392 -2.90 -19.58 15.54
N GLU A 393 -3.44 -20.30 16.55
CA GLU A 393 -4.72 -21.02 16.38
C GLU A 393 -5.87 -20.08 16.28
N TYR A 394 -5.82 -19.05 17.12
CA TYR A 394 -6.84 -18.02 17.14
C TYR A 394 -6.92 -17.37 15.75
N PHE A 395 -5.74 -17.03 15.19
CA PHE A 395 -5.68 -16.30 13.93
C PHE A 395 -6.19 -17.16 12.82
N ASN A 396 -5.74 -18.42 12.79
CA ASN A 396 -6.18 -19.39 11.79
C ASN A 396 -7.71 -19.54 11.80
N LYS A 397 -8.29 -19.69 12.99
CA LYS A 397 -9.72 -19.97 13.13
C LYS A 397 -10.63 -18.76 12.83
N GLN A 398 -10.35 -17.66 13.52
CA GLN A 398 -11.07 -16.42 13.29
C GLN A 398 -10.84 -15.88 11.89
N GLY A 399 -9.61 -16.00 11.39
CA GLY A 399 -9.29 -15.65 9.99
C GLY A 399 -10.05 -16.43 8.94
N ASP A 400 -10.16 -17.78 9.08
CA ASP A 400 -10.93 -18.60 8.08
C ASP A 400 -12.41 -18.26 8.06
N ARG A 401 -12.92 -17.83 9.20
CA ARG A 401 -14.27 -17.32 9.35
C ARG A 401 -14.54 -16.01 8.62
N ILE A 402 -13.70 -15.00 8.87
CA ILE A 402 -13.68 -13.75 8.09
C ILE A 402 -13.60 -14.05 6.59
N LEU A 403 -12.67 -14.91 6.18
CA LEU A 403 -12.50 -15.17 4.74
C LEU A 403 -13.83 -15.66 4.14
N LYS A 404 -14.39 -16.74 4.70
CA LYS A 404 -15.76 -17.20 4.39
C LYS A 404 -16.83 -16.07 4.22
N ARG A 405 -16.91 -15.14 5.18
CA ARG A 405 -17.80 -13.97 5.08
C ARG A 405 -17.38 -12.98 3.95
N ALA A 406 -16.10 -12.61 3.90
CA ALA A 406 -15.48 -11.84 2.81
C ALA A 406 -15.65 -12.40 1.39
N MET A 407 -15.38 -13.71 1.21
CA MET A 407 -15.47 -14.36 -0.11
C MET A 407 -16.90 -14.87 -0.39
N ARG A 408 -17.87 -14.32 0.34
CA ARG A 408 -19.28 -14.68 0.17
C ARG A 408 -19.95 -13.79 -0.88
C1 ADA B . 0.47 2.18 3.91
C2 ADA B . 0.04 3.59 3.46
C3 ADA B . -1.46 3.78 3.56
C4 ADA B . -2.26 2.55 3.17
C5 ADA B . -1.84 1.34 4.00
C6 ADA B . -2.55 0.16 3.35
O1 ADA B . 0.78 2.20 5.26
O2 ADA B . 0.69 4.61 4.24
O3 ADA B . -1.86 4.88 2.76
O4 ADA B . -2.00 2.17 1.82
O5 ADA B . -0.45 1.10 3.80
O6B ADA B . -1.82 -0.57 2.72
O6A ADA B . -3.79 -0.02 3.40
C1 ADA B . -2.78 2.57 0.54
C2 ADA B . -2.66 1.57 -0.56
C3 ADA B . -1.32 1.64 -1.31
C4 ADA B . -1.12 3.08 -1.79
C5 ADA B . -1.15 4.00 -0.57
C6 ADA B . -0.93 5.43 -0.97
O2 ADA B . -3.01 0.30 -0.04
O3 ADA B . -1.34 0.73 -2.37
O4 ADA B . -2.15 3.48 -2.70
O5 ADA B . -2.34 3.90 0.26
O6B ADA B . -1.52 6.29 -0.30
O6A ADA B . -0.12 5.71 -1.87
#